data_2I67
#
_entry.id   2I67
#
_cell.length_a   41.893
_cell.length_b   51.152
_cell.length_c   65.639
_cell.angle_alpha   109.36
_cell.angle_beta   91.22
_cell.angle_gamma   97.38
#
_symmetry.space_group_name_H-M   'P 1'
#
loop_
_entity.id
_entity.type
_entity.pdbx_description
1 polymer 'ADP-ribosyl cyclase 1'
2 non-polymer ADENOSINE-5-DIPHOSPHORIBOSE
3 water water
#
_entity_poly.entity_id   1
_entity_poly.type   'polypeptide(L)'
_entity_poly.pdbx_seq_one_letter_code
;KREAEARWRQTWSGPGTTKRFPETVLARCVKYTEIHPEMRHVDCQSVWDAFKGAFISKHPCDITEEDYQPLMKLGTQTVP
CNKILLWSRIKDLAHQFTQVQRDMFTLEDTLLGYLADDLTWCGEFDTSKINYQSCPDWRKDCSNNPVSVFWKTVSRRFAE
AACDVVHVMLDGSRSKIFDKDSTFGSVEVHNLQPEKVQTLEAWVIHGGREDSRDLCQDPTIKELESIISKRNIQFSCKNI
YRPDKFLQCVKNPEDSSCTSEI
;
_entity_poly.pdbx_strand_id   A,B
#
loop_
_chem_comp.id
_chem_comp.type
_chem_comp.name
_chem_comp.formula
APR non-polymer ADENOSINE-5-DIPHOSPHORIBOSE 'C15 H23 N5 O14 P2'
#
# COMPACT_ATOMS: atom_id res chain seq x y z
N ARG A 7 -8.50 13.21 -45.90
CA ARG A 7 -9.65 13.32 -46.86
C ARG A 7 -10.72 14.27 -46.34
N TRP A 8 -11.80 14.37 -47.12
CA TRP A 8 -12.92 15.25 -46.81
C TRP A 8 -14.01 14.55 -45.98
N ARG A 9 -13.90 13.23 -45.86
CA ARG A 9 -14.97 12.40 -45.26
C ARG A 9 -14.69 11.86 -43.85
N GLN A 10 -13.52 11.23 -43.66
CA GLN A 10 -13.15 10.48 -42.43
C GLN A 10 -14.13 9.38 -42.00
N THR A 11 -13.59 8.32 -41.43
CA THR A 11 -14.40 7.22 -40.95
C THR A 11 -15.09 7.58 -39.65
N TRP A 12 -14.36 8.28 -38.77
CA TRP A 12 -14.81 8.56 -37.40
C TRP A 12 -14.93 10.06 -37.15
N SER A 13 -15.58 10.39 -36.03
CA SER A 13 -15.89 11.77 -35.70
C SER A 13 -14.81 12.43 -34.85
N GLY A 14 -13.97 11.63 -34.18
CA GLY A 14 -12.92 12.15 -33.31
C GLY A 14 -11.59 12.44 -34.00
N PRO A 15 -10.71 13.19 -33.30
CA PRO A 15 -9.36 13.44 -33.82
C PRO A 15 -8.62 12.13 -34.06
N GLY A 16 -7.81 12.11 -35.10
CA GLY A 16 -6.90 11.00 -35.40
C GLY A 16 -5.77 10.86 -34.40
N THR A 17 -4.99 9.80 -34.55
CA THR A 17 -3.81 9.59 -33.72
C THR A 17 -2.92 10.83 -33.79
N THR A 18 -2.42 11.20 -32.60
CA THR A 18 -1.57 12.39 -32.47
C THR A 18 -0.33 12.24 -33.35
N LYS A 19 0.01 13.33 -34.05
CA LYS A 19 1.22 13.37 -34.86
C LYS A 19 2.39 12.88 -34.01
N ARG A 20 3.22 12.03 -34.60
CA ARG A 20 4.41 11.49 -33.96
C ARG A 20 4.13 10.60 -32.74
N PHE A 21 2.92 10.03 -32.67
CA PHE A 21 2.52 9.18 -31.54
C PHE A 21 3.56 8.15 -31.07
N PRO A 22 4.06 7.27 -31.98
CA PRO A 22 5.03 6.26 -31.58
C PRO A 22 6.32 6.86 -30.99
N GLU A 23 6.87 7.89 -31.65
CA GLU A 23 8.06 8.59 -31.18
C GLU A 23 7.81 9.25 -29.81
N THR A 24 6.60 9.79 -29.64
CA THR A 24 6.26 10.52 -28.44
C THR A 24 6.15 9.53 -27.26
N VAL A 25 5.48 8.41 -27.46
CA VAL A 25 5.34 7.41 -26.41
C VAL A 25 6.71 6.86 -25.99
N LEU A 26 7.53 6.49 -26.95
CA LEU A 26 8.87 5.98 -26.64
C LEU A 26 9.71 7.03 -25.85
N ALA A 27 9.65 8.30 -26.26
CA ALA A 27 10.46 9.35 -25.66
C ALA A 27 10.01 9.64 -24.23
N ARG A 28 8.69 9.57 -24.02
CA ARG A 28 8.10 9.74 -22.69
C ARG A 28 8.55 8.59 -21.77
N CYS A 29 8.60 7.39 -22.31
CA CYS A 29 9.05 6.25 -21.51
C CYS A 29 10.56 6.33 -21.07
N VAL A 30 11.47 6.68 -22.00
CA VAL A 30 12.91 6.92 -21.69
C VAL A 30 12.98 7.99 -20.60
N LYS A 31 12.30 9.14 -20.80
CA LYS A 31 12.40 10.21 -19.80
C LYS A 31 11.91 9.77 -18.41
N TYR A 32 10.73 9.15 -18.38
CA TYR A 32 10.12 8.70 -17.11
C TYR A 32 11.03 7.74 -16.35
N THR A 33 11.52 6.71 -17.05
CA THR A 33 12.31 5.64 -16.44
C THR A 33 13.69 6.18 -16.05
N GLU A 34 14.11 7.24 -16.73
CA GLU A 34 15.32 7.97 -16.35
C GLU A 34 15.14 8.74 -15.02
N ILE A 35 13.99 9.39 -14.84
CA ILE A 35 13.78 10.22 -13.65
C ILE A 35 13.56 9.37 -12.36
N HIS A 36 12.75 8.31 -12.54
CA HIS A 36 12.21 7.48 -11.45
C HIS A 36 12.98 6.18 -11.19
N PRO A 37 13.69 6.10 -10.02
CA PRO A 37 14.56 4.95 -9.77
C PRO A 37 13.84 3.60 -9.74
N GLU A 38 12.53 3.58 -9.40
CA GLU A 38 11.77 2.32 -9.27
C GLU A 38 11.47 1.72 -10.64
N MET A 39 11.24 2.60 -11.62
CA MET A 39 10.88 2.21 -12.97
C MET A 39 12.08 2.14 -13.89
N ARG A 40 13.27 2.02 -13.32
CA ARG A 40 14.48 1.93 -14.14
C ARG A 40 14.74 0.55 -14.77
N HIS A 41 13.99 -0.48 -14.34
CA HIS A 41 14.13 -1.86 -14.85
C HIS A 41 13.38 -2.07 -16.17
N VAL A 42 12.56 -1.09 -16.53
CA VAL A 42 11.60 -1.21 -17.62
C VAL A 42 12.28 -1.07 -19.00
N ASP A 43 11.88 -1.89 -19.97
CA ASP A 43 12.45 -1.82 -21.33
C ASP A 43 11.43 -1.04 -22.16
N CYS A 44 11.79 0.16 -22.58
CA CYS A 44 10.80 1.03 -23.19
C CYS A 44 10.34 0.56 -24.55
N GLN A 45 11.21 -0.13 -25.30
CA GLN A 45 10.78 -0.78 -26.54
C GLN A 45 9.74 -1.88 -26.30
N SER A 46 9.95 -2.70 -25.25
CA SER A 46 8.93 -3.70 -24.81
C SER A 46 7.57 -3.09 -24.44
N VAL A 47 7.60 -2.02 -23.65
CA VAL A 47 6.38 -1.23 -23.33
C VAL A 47 5.66 -0.76 -24.62
N TRP A 48 6.42 -0.17 -25.56
CA TRP A 48 5.82 0.33 -26.79
C TRP A 48 5.13 -0.82 -27.54
N ASP A 49 5.81 -1.96 -27.63
CA ASP A 49 5.30 -3.12 -28.33
C ASP A 49 4.03 -3.65 -27.70
N ALA A 50 4.01 -3.64 -26.36
CA ALA A 50 2.83 -4.03 -25.59
C ALA A 50 1.64 -3.07 -25.82
N PHE A 51 1.94 -1.78 -25.83
CA PHE A 51 0.94 -0.73 -26.04
C PHE A 51 0.35 -0.90 -27.44
N LYS A 52 1.21 -0.92 -28.46
CA LYS A 52 0.76 -1.04 -29.88
C LYS A 52 -0.07 -2.31 -30.08
N GLY A 53 0.37 -3.39 -29.43
CA GLY A 53 -0.33 -4.68 -29.46
C GLY A 53 -1.79 -4.66 -29.01
N ALA A 54 -2.14 -3.70 -28.16
CA ALA A 54 -3.48 -3.57 -27.63
C ALA A 54 -4.48 -3.11 -28.68
N PHE A 55 -4.02 -2.42 -29.73
CA PHE A 55 -4.95 -1.77 -30.65
C PHE A 55 -4.62 -1.92 -32.13
N ILE A 56 -3.38 -2.27 -32.49
CA ILE A 56 -3.03 -2.48 -33.91
C ILE A 56 -3.76 -3.68 -34.49
N SER A 57 -4.32 -3.54 -35.71
CA SER A 57 -5.02 -4.62 -36.42
C SER A 57 -6.27 -5.09 -35.66
N LYS A 58 -6.77 -4.23 -34.79
CA LYS A 58 -7.99 -4.49 -34.06
C LYS A 58 -9.02 -3.44 -34.41
N HIS A 59 -10.29 -3.83 -34.43
CA HIS A 59 -11.32 -2.85 -34.76
C HIS A 59 -11.37 -1.82 -33.62
N PRO A 60 -11.28 -0.53 -33.93
CA PRO A 60 -11.24 0.45 -32.84
C PRO A 60 -12.56 0.71 -32.11
N CYS A 61 -13.61 -0.04 -32.44
CA CYS A 61 -14.82 -0.03 -31.63
C CYS A 61 -15.00 -1.34 -30.83
N ASP A 62 -13.98 -2.18 -30.82
CA ASP A 62 -14.09 -3.46 -30.12
C ASP A 62 -12.87 -3.76 -29.27
N ILE A 63 -12.38 -2.74 -28.59
CA ILE A 63 -11.24 -2.90 -27.69
C ILE A 63 -11.75 -3.32 -26.30
N THR A 64 -10.98 -4.18 -25.63
CA THR A 64 -11.35 -4.64 -24.28
C THR A 64 -10.22 -4.38 -23.29
N GLU A 65 -10.54 -4.49 -22.00
CA GLU A 65 -9.47 -4.31 -20.99
C GLU A 65 -8.42 -5.42 -21.15
N GLU A 66 -8.84 -6.60 -21.58
CA GLU A 66 -7.91 -7.70 -21.88
C GLU A 66 -6.83 -7.32 -22.88
N ASP A 67 -7.17 -6.48 -23.87
CA ASP A 67 -6.21 -6.04 -24.88
C ASP A 67 -5.02 -5.31 -24.25
N TYR A 68 -5.29 -4.63 -23.15
CA TYR A 68 -4.26 -3.85 -22.42
C TYR A 68 -3.55 -4.62 -21.31
N GLN A 69 -3.86 -5.91 -21.14
CA GLN A 69 -3.21 -6.67 -20.07
C GLN A 69 -1.69 -6.72 -20.22
N PRO A 70 -1.16 -7.00 -21.42
CA PRO A 70 0.31 -6.98 -21.55
C PRO A 70 0.98 -5.65 -21.14
N LEU A 71 0.39 -4.54 -21.55
CA LEU A 71 0.90 -3.25 -21.15
C LEU A 71 0.82 -3.07 -19.62
N MET A 72 -0.30 -3.44 -19.01
CA MET A 72 -0.46 -3.27 -17.53
C MET A 72 0.59 -4.03 -16.76
N LYS A 73 0.87 -5.23 -17.24
CA LYS A 73 1.89 -6.05 -16.61
C LYS A 73 3.24 -5.34 -16.63
N LEU A 74 3.70 -4.94 -17.83
CA LEU A 74 4.99 -4.26 -17.99
C LEU A 74 5.06 -2.91 -17.25
N GLY A 75 3.91 -2.26 -17.12
CA GLY A 75 3.82 -0.93 -16.49
C GLY A 75 3.50 -0.97 -14.99
N THR A 76 3.52 -2.18 -14.40
CA THR A 76 3.30 -2.35 -12.94
C THR A 76 4.24 -1.46 -12.14
N GLN A 77 3.67 -0.78 -11.14
CA GLN A 77 4.38 0.22 -10.35
C GLN A 77 3.72 0.31 -8.99
N THR A 78 4.57 0.22 -7.95
CA THR A 78 4.14 0.44 -6.57
C THR A 78 4.15 1.94 -6.33
N VAL A 79 3.00 2.48 -5.97
CA VAL A 79 3.00 3.87 -5.56
C VAL A 79 2.51 3.91 -4.13
N PRO A 80 3.01 4.88 -3.35
CA PRO A 80 2.61 4.99 -1.95
C PRO A 80 1.09 5.17 -1.91
N CYS A 81 0.40 4.20 -1.32
CA CYS A 81 -1.08 4.18 -1.38
C CYS A 81 -1.83 5.35 -0.71
N ASN A 82 -1.16 6.04 0.22
CA ASN A 82 -1.78 7.05 1.05
C ASN A 82 -1.51 8.46 0.55
N LYS A 83 -0.83 8.53 -0.60
CA LYS A 83 -0.46 9.81 -1.21
C LYS A 83 -1.08 10.08 -2.59
N ILE A 84 -2.29 9.56 -2.84
CA ILE A 84 -2.91 9.67 -4.16
C ILE A 84 -3.75 10.93 -4.23
N LEU A 85 -3.60 11.61 -5.36
CA LEU A 85 -4.43 12.79 -5.69
C LEU A 85 -5.26 12.45 -6.94
N LEU A 86 -6.58 12.31 -6.76
CA LEU A 86 -7.51 12.19 -7.91
C LEU A 86 -7.92 13.58 -8.32
N TRP A 87 -8.52 13.73 -9.51
CA TRP A 87 -8.96 15.10 -9.89
C TRP A 87 -10.04 14.97 -10.94
N SER A 88 -10.82 16.03 -11.09
CA SER A 88 -11.89 16.02 -12.07
C SER A 88 -12.03 17.44 -12.65
N ARG A 89 -11.79 17.56 -13.96
CA ARG A 89 -11.97 18.80 -14.74
C ARG A 89 -11.10 20.00 -14.33
N ILE A 90 -10.02 19.76 -13.58
CA ILE A 90 -9.17 20.84 -13.08
C ILE A 90 -7.71 20.36 -13.32
N LYS A 91 -7.46 19.95 -14.55
CA LYS A 91 -6.22 19.27 -14.91
C LYS A 91 -4.96 20.07 -14.61
N ASP A 92 -4.95 21.32 -15.05
CA ASP A 92 -3.78 22.19 -14.93
C ASP A 92 -3.27 22.36 -13.50
N LEU A 93 -4.16 22.76 -12.59
CA LEU A 93 -3.78 23.00 -11.21
C LEU A 93 -3.38 21.69 -10.50
N ALA A 94 -4.08 20.60 -10.81
CA ALA A 94 -3.74 19.29 -10.19
C ALA A 94 -2.29 18.91 -10.49
N HIS A 95 -1.87 19.07 -11.74
CA HIS A 95 -0.51 18.73 -12.13
C HIS A 95 0.52 19.78 -11.70
N GLN A 96 0.16 21.06 -11.76
CA GLN A 96 1.03 22.09 -11.17
C GLN A 96 1.35 21.80 -9.71
N PHE A 97 0.33 21.36 -8.97
CA PHE A 97 0.42 20.97 -7.57
C PHE A 97 1.42 19.81 -7.35
N THR A 98 1.24 18.70 -8.07
CA THR A 98 2.15 17.57 -7.87
C THR A 98 3.53 17.80 -8.48
N GLN A 99 3.67 18.82 -9.33
CA GLN A 99 5.01 19.20 -9.82
C GLN A 99 5.85 19.90 -8.73
N VAL A 100 5.18 20.51 -7.76
CA VAL A 100 5.86 21.21 -6.68
C VAL A 100 5.85 20.39 -5.38
N GLN A 101 4.71 19.73 -5.09
CA GLN A 101 4.53 18.85 -3.93
C GLN A 101 4.79 17.41 -4.36
N ARG A 102 6.08 17.03 -4.43
CA ARG A 102 6.48 15.75 -5.03
C ARG A 102 6.11 14.52 -4.23
N ASP A 103 5.46 14.76 -3.09
CA ASP A 103 4.97 13.75 -2.21
C ASP A 103 3.69 13.11 -2.79
N MET A 104 2.69 13.94 -3.10
CA MET A 104 1.40 13.48 -3.68
C MET A 104 1.56 13.15 -5.19
N PHE A 105 0.76 12.18 -5.67
CA PHE A 105 0.86 11.65 -7.06
C PHE A 105 -0.49 11.65 -7.72
N THR A 106 -0.60 12.13 -8.97
CA THR A 106 -1.81 11.83 -9.78
C THR A 106 -1.51 10.66 -10.72
N LEU A 107 -2.53 10.19 -11.44
CA LEU A 107 -2.36 9.06 -12.32
C LEU A 107 -1.34 9.40 -13.41
N GLU A 108 -1.35 10.68 -13.80
CA GLU A 108 -0.42 11.18 -14.86
C GLU A 108 1.05 11.27 -14.36
N ASP A 109 1.25 10.98 -13.06
CA ASP A 109 2.56 10.93 -12.44
C ASP A 109 3.08 9.49 -12.31
N THR A 110 2.26 8.52 -12.73
CA THR A 110 2.69 7.12 -12.91
C THR A 110 3.19 6.91 -14.34
N LEU A 111 3.93 5.82 -14.59
CA LEU A 111 4.49 5.56 -15.93
C LEU A 111 3.33 5.52 -16.93
N LEU A 112 2.32 4.70 -16.67
CA LEU A 112 1.26 4.52 -17.69
C LEU A 112 0.47 5.79 -17.98
N GLY A 113 0.11 6.53 -16.93
CA GLY A 113 -0.58 7.81 -17.13
C GLY A 113 0.29 8.83 -17.87
N TYR A 114 1.58 8.85 -17.55
CA TYR A 114 2.52 9.79 -18.14
C TYR A 114 2.67 9.54 -19.64
N LEU A 115 2.77 8.26 -20.02
CA LEU A 115 2.89 7.89 -21.47
C LEU A 115 1.71 8.39 -22.30
N ALA A 116 0.50 8.31 -21.73
CA ALA A 116 -0.74 8.48 -22.51
C ALA A 116 -1.35 9.88 -22.41
N ASP A 117 -0.91 10.64 -21.43
CA ASP A 117 -1.58 11.90 -21.12
C ASP A 117 -1.70 12.79 -22.37
N ASP A 118 -2.92 13.27 -22.65
CA ASP A 118 -3.15 14.23 -23.76
C ASP A 118 -2.96 13.70 -25.16
N LEU A 119 -2.75 12.39 -25.29
CA LEU A 119 -2.60 11.79 -26.62
C LEU A 119 -3.87 11.10 -27.09
N THR A 120 -3.98 10.91 -28.41
CA THR A 120 -5.04 10.11 -29.04
C THR A 120 -4.38 9.03 -29.92
N TRP A 121 -4.97 7.83 -29.98
CA TRP A 121 -4.43 6.75 -30.83
C TRP A 121 -5.57 5.80 -31.26
N CYS A 122 -5.45 5.25 -32.46
CA CYS A 122 -6.32 4.14 -32.87
C CYS A 122 -5.70 3.47 -34.09
N GLY A 123 -6.12 2.23 -34.30
CA GLY A 123 -5.71 1.44 -35.45
C GLY A 123 -6.89 1.20 -36.36
N GLU A 124 -6.77 0.14 -37.15
CA GLU A 124 -7.76 -0.15 -38.20
C GLU A 124 -8.05 -1.65 -38.20
N PHE A 125 -9.30 -2.06 -38.46
CA PHE A 125 -9.49 -3.51 -38.55
C PHE A 125 -8.97 -4.04 -39.88
N ASP A 126 -8.91 -3.13 -40.85
CA ASP A 126 -8.54 -3.33 -42.26
C ASP A 126 -7.07 -3.63 -42.58
N THR A 127 -6.20 -3.14 -41.72
CA THR A 127 -4.78 -3.09 -41.98
C THR A 127 -4.06 -2.99 -40.65
N SER A 128 -2.74 -3.09 -40.71
CA SER A 128 -1.93 -3.02 -39.51
C SER A 128 -1.41 -1.61 -39.25
N LYS A 129 -1.96 -0.61 -39.96
CA LYS A 129 -1.51 0.81 -39.82
C LYS A 129 -2.17 1.57 -38.66
N ILE A 130 -1.46 2.59 -38.16
CA ILE A 130 -2.05 3.56 -37.22
C ILE A 130 -2.90 4.55 -38.03
N ASN A 131 -4.09 4.88 -37.51
CA ASN A 131 -5.00 5.81 -38.21
C ASN A 131 -4.73 7.24 -37.71
N TYR A 132 -4.04 8.02 -38.54
CA TYR A 132 -3.71 9.42 -38.20
C TYR A 132 -4.78 10.38 -38.66
N GLN A 133 -5.82 9.85 -39.32
CA GLN A 133 -6.90 10.68 -39.87
C GLN A 133 -8.06 10.91 -38.91
N SER A 134 -8.59 9.85 -38.29
CA SER A 134 -9.67 9.99 -37.31
C SER A 134 -9.69 8.81 -36.37
N CYS A 135 -10.25 8.99 -35.19
CA CYS A 135 -10.44 7.92 -34.22
C CYS A 135 -11.84 8.05 -33.62
N PRO A 136 -12.43 6.92 -33.16
CA PRO A 136 -13.78 6.99 -32.58
C PRO A 136 -13.96 7.98 -31.42
N ASP A 137 -15.03 8.77 -31.53
CA ASP A 137 -15.48 9.68 -30.48
C ASP A 137 -16.34 8.84 -29.53
N TRP A 138 -16.09 8.96 -28.24
CA TRP A 138 -16.75 8.15 -27.25
C TRP A 138 -18.29 8.32 -27.37
N ARG A 139 -18.71 9.55 -27.68
CA ARG A 139 -20.13 9.90 -27.76
C ARG A 139 -20.80 9.57 -29.11
N LYS A 140 -20.20 10.07 -30.18
CA LYS A 140 -20.77 9.93 -31.52
C LYS A 140 -20.51 8.57 -32.19
N ASP A 141 -19.45 7.87 -31.79
CA ASP A 141 -19.07 6.64 -32.46
C ASP A 141 -19.24 5.38 -31.62
N CYS A 142 -18.42 5.22 -30.58
CA CYS A 142 -18.45 4.02 -29.75
C CYS A 142 -17.63 4.19 -28.48
N SER A 143 -18.13 3.62 -27.39
CA SER A 143 -17.46 3.67 -26.10
C SER A 143 -16.19 2.80 -26.00
N ASN A 144 -16.19 1.65 -26.67
CA ASN A 144 -15.10 0.68 -26.54
C ASN A 144 -13.95 0.93 -27.54
N ASN A 145 -13.43 2.16 -27.49
CA ASN A 145 -12.34 2.57 -28.38
C ASN A 145 -10.99 2.55 -27.60
N PRO A 146 -9.85 2.55 -28.34
CA PRO A 146 -8.55 2.41 -27.69
C PRO A 146 -8.27 3.41 -26.56
N VAL A 147 -8.64 4.68 -26.75
CA VAL A 147 -8.32 5.66 -25.73
C VAL A 147 -9.23 5.52 -24.50
N SER A 148 -10.54 5.44 -24.74
CA SER A 148 -11.49 5.31 -23.63
C SER A 148 -11.23 4.04 -22.77
N VAL A 149 -10.94 2.95 -23.44
CA VAL A 149 -10.73 1.65 -22.76
C VAL A 149 -9.44 1.69 -21.92
N PHE A 150 -8.40 2.27 -22.49
CA PHE A 150 -7.15 2.51 -21.77
C PHE A 150 -7.39 3.25 -20.45
N TRP A 151 -8.03 4.42 -20.54
CA TRP A 151 -8.23 5.22 -19.37
C TRP A 151 -9.16 4.55 -18.35
N LYS A 152 -10.17 3.79 -18.81
CA LYS A 152 -11.08 3.10 -17.84
C LYS A 152 -10.25 2.07 -17.07
N THR A 153 -9.37 1.38 -17.78
CA THR A 153 -8.62 0.28 -17.18
C THR A 153 -7.60 0.82 -16.16
N VAL A 154 -6.85 1.82 -16.59
CA VAL A 154 -5.74 2.32 -15.72
C VAL A 154 -6.35 3.11 -14.54
N SER A 155 -7.42 3.85 -14.78
CA SER A 155 -8.07 4.63 -13.71
C SER A 155 -8.70 3.73 -12.62
N ARG A 156 -9.34 2.63 -13.04
CA ARG A 156 -9.80 1.61 -12.07
C ARG A 156 -8.66 1.09 -11.22
N ARG A 157 -7.55 0.71 -11.86
CA ARG A 157 -6.43 0.07 -11.12
C ARG A 157 -5.77 1.06 -10.15
N PHE A 158 -5.71 2.32 -10.55
CA PHE A 158 -5.14 3.39 -9.70
C PHE A 158 -6.04 3.58 -8.48
N ALA A 159 -7.37 3.67 -8.69
CA ALA A 159 -8.29 3.87 -7.56
C ALA A 159 -8.23 2.67 -6.59
N GLU A 160 -8.11 1.47 -7.15
CA GLU A 160 -8.02 0.24 -6.34
C GLU A 160 -6.76 0.21 -5.45
N ALA A 161 -5.72 0.94 -5.88
CA ALA A 161 -4.45 0.98 -5.17
C ALA A 161 -4.50 1.88 -3.96
N ALA A 162 -5.46 2.82 -3.95
CA ALA A 162 -5.49 3.85 -2.90
C ALA A 162 -5.81 3.34 -1.52
N CYS A 163 -5.23 3.97 -0.51
CA CYS A 163 -5.58 3.64 0.84
C CYS A 163 -5.56 4.90 1.72
N ASP A 164 -5.97 4.74 2.96
CA ASP A 164 -5.91 5.82 3.97
C ASP A 164 -6.72 7.07 3.56
N VAL A 165 -6.11 8.24 3.50
CA VAL A 165 -6.81 9.45 3.08
C VAL A 165 -6.49 9.67 1.58
N VAL A 166 -7.54 9.70 0.74
CA VAL A 166 -7.42 9.93 -0.72
C VAL A 166 -7.93 11.34 -0.98
N HIS A 167 -7.19 12.16 -1.74
CA HIS A 167 -7.65 13.53 -1.99
C HIS A 167 -8.19 13.63 -3.42
N VAL A 168 -9.10 14.57 -3.66
CA VAL A 168 -9.58 14.82 -5.03
C VAL A 168 -9.78 16.30 -5.23
N MET A 169 -9.16 16.83 -6.28
CA MET A 169 -9.35 18.23 -6.67
C MET A 169 -10.53 18.34 -7.62
N LEU A 170 -11.46 19.27 -7.34
CA LEU A 170 -12.66 19.41 -8.18
C LEU A 170 -12.79 20.85 -8.70
N ASP A 171 -13.31 21.02 -9.93
CA ASP A 171 -13.46 22.36 -10.51
C ASP A 171 -14.76 22.97 -9.98
N GLY A 172 -14.64 23.99 -9.14
CA GLY A 172 -15.80 24.65 -8.51
C GLY A 172 -16.59 25.56 -9.43
N SER A 173 -16.14 25.70 -10.68
CA SER A 173 -16.79 26.59 -11.64
C SER A 173 -17.64 25.87 -12.69
N ARG A 174 -17.69 24.54 -12.60
CA ARG A 174 -18.22 23.64 -13.64
C ARG A 174 -19.73 23.62 -13.93
N SER A 175 -20.56 23.54 -12.89
CA SER A 175 -22.05 23.46 -13.00
C SER A 175 -22.51 22.20 -12.28
N LYS A 176 -21.87 21.09 -12.61
CA LYS A 176 -21.87 19.92 -11.73
C LYS A 176 -20.45 19.83 -11.22
N ILE A 177 -20.19 20.34 -10.02
CA ILE A 177 -18.84 20.29 -9.44
C ILE A 177 -18.37 18.83 -9.24
N PHE A 178 -19.27 18.01 -8.73
CA PHE A 178 -19.13 16.57 -8.83
C PHE A 178 -20.12 16.10 -9.90
N ASP A 179 -19.57 15.49 -10.95
CA ASP A 179 -20.38 14.98 -12.03
C ASP A 179 -20.30 13.45 -12.02
N LYS A 180 -21.43 12.78 -11.81
CA LYS A 180 -21.42 11.29 -11.76
C LYS A 180 -20.98 10.64 -13.07
N ASP A 181 -21.07 11.37 -14.17
CA ASP A 181 -20.69 10.83 -15.47
C ASP A 181 -19.23 11.07 -15.87
N SER A 182 -18.45 11.75 -15.03
CA SER A 182 -17.03 11.93 -15.27
C SER A 182 -16.25 10.63 -15.00
N THR A 183 -14.99 10.56 -15.44
CA THR A 183 -14.16 9.40 -15.06
C THR A 183 -14.06 9.29 -13.51
N PHE A 184 -13.88 10.43 -12.87
CA PHE A 184 -13.84 10.42 -11.42
C PHE A 184 -15.15 9.83 -10.85
N GLY A 185 -16.29 10.31 -11.32
CA GLY A 185 -17.54 9.95 -10.68
C GLY A 185 -18.02 8.55 -11.06
N SER A 186 -17.63 8.06 -12.24
CA SER A 186 -18.20 6.79 -12.77
C SER A 186 -17.30 5.58 -12.57
N VAL A 187 -15.97 5.80 -12.56
CA VAL A 187 -15.02 4.72 -12.38
C VAL A 187 -14.32 4.81 -11.02
N GLU A 188 -13.69 5.95 -10.76
CA GLU A 188 -12.77 6.01 -9.62
C GLU A 188 -13.52 5.91 -8.28
N VAL A 189 -14.59 6.69 -8.12
CA VAL A 189 -15.36 6.63 -6.84
C VAL A 189 -15.79 5.19 -6.52
N HIS A 190 -16.08 4.40 -7.55
CA HIS A 190 -16.69 3.09 -7.39
C HIS A 190 -15.63 2.00 -7.36
N ASN A 191 -14.36 2.43 -7.31
CA ASN A 191 -13.26 1.48 -7.12
C ASN A 191 -12.33 1.79 -5.96
N LEU A 192 -12.70 2.78 -5.14
CA LEU A 192 -12.04 3.01 -3.81
C LEU A 192 -12.43 1.83 -2.92
N GLN A 193 -11.46 1.13 -2.35
CA GLN A 193 -11.74 -0.08 -1.59
C GLN A 193 -12.17 0.22 -0.13
N PRO A 194 -13.41 -0.19 0.26
CA PRO A 194 -13.88 -0.01 1.64
C PRO A 194 -12.91 -0.56 2.71
N GLU A 195 -12.13 -1.60 2.38
CA GLU A 195 -11.23 -2.22 3.38
C GLU A 195 -10.02 -1.32 3.69
N LYS A 196 -9.72 -0.43 2.74
CA LYS A 196 -8.42 0.31 2.64
C LYS A 196 -8.56 1.81 2.89
N VAL A 197 -9.62 2.41 2.34
CA VAL A 197 -9.74 3.88 2.27
C VAL A 197 -10.50 4.39 3.47
N GLN A 198 -9.86 5.29 4.21
CA GLN A 198 -10.43 5.83 5.43
C GLN A 198 -11.35 7.04 5.13
N THR A 199 -10.85 7.97 4.32
CA THR A 199 -11.54 9.24 4.02
C THR A 199 -11.26 9.63 2.58
N LEU A 200 -12.29 10.13 1.90
CA LEU A 200 -12.11 10.90 0.65
C LEU A 200 -12.23 12.38 1.01
N GLU A 201 -11.19 13.14 0.69
CA GLU A 201 -11.20 14.58 0.97
C GLU A 201 -11.20 15.37 -0.33
N ALA A 202 -12.24 16.16 -0.53
CA ALA A 202 -12.31 16.97 -1.75
C ALA A 202 -11.77 18.38 -1.51
N TRP A 203 -11.02 18.91 -2.50
CA TRP A 203 -10.59 20.30 -2.48
C TRP A 203 -11.32 20.94 -3.64
N VAL A 204 -12.27 21.82 -3.33
CA VAL A 204 -13.04 22.50 -4.36
C VAL A 204 -12.38 23.81 -4.78
N ILE A 205 -11.90 23.84 -6.01
CA ILE A 205 -11.12 24.98 -6.53
C ILE A 205 -12.06 26.06 -7.07
N HIS A 206 -12.03 27.22 -6.44
CA HIS A 206 -12.88 28.35 -6.87
C HIS A 206 -12.40 28.94 -8.18
N GLY A 207 -13.35 29.48 -8.96
CA GLY A 207 -13.07 30.00 -10.29
C GLY A 207 -12.11 31.17 -10.23
N GLY A 208 -12.68 32.35 -10.05
CA GLY A 208 -11.94 33.61 -9.87
C GLY A 208 -12.72 34.49 -8.93
N ARG A 209 -13.01 35.72 -9.38
CA ARG A 209 -13.86 36.67 -8.66
C ARG A 209 -13.33 37.05 -7.29
N GLU A 210 -13.46 36.13 -6.35
CA GLU A 210 -12.92 36.31 -4.99
C GLU A 210 -13.86 35.78 -3.93
N ASP A 211 -14.85 36.60 -3.57
CA ASP A 211 -15.77 36.33 -2.45
C ASP A 211 -17.00 35.53 -2.84
N SER A 212 -16.86 34.21 -2.71
CA SER A 212 -17.87 33.27 -3.19
C SER A 212 -18.54 32.50 -2.06
N ARG A 213 -19.56 31.75 -2.45
CA ARG A 213 -20.21 30.73 -1.64
C ARG A 213 -19.25 29.67 -1.10
N ASP A 214 -19.67 29.02 -0.01
CA ASP A 214 -19.02 27.81 0.46
C ASP A 214 -19.51 26.69 -0.46
N LEU A 215 -18.63 26.25 -1.37
CA LEU A 215 -19.02 25.30 -2.39
C LEU A 215 -19.07 23.89 -1.85
N CYS A 216 -18.59 23.71 -0.62
CA CYS A 216 -18.69 22.41 0.04
C CYS A 216 -20.15 22.07 0.43
N GLN A 217 -21.05 23.06 0.37
CA GLN A 217 -22.50 22.86 0.62
C GLN A 217 -23.31 22.68 -0.71
N ASP A 218 -22.61 22.65 -1.83
CA ASP A 218 -23.27 22.45 -3.14
C ASP A 218 -23.96 21.08 -3.18
N PRO A 219 -25.17 21.00 -3.78
CA PRO A 219 -25.91 19.74 -3.88
C PRO A 219 -25.11 18.54 -4.46
N THR A 220 -24.28 18.78 -5.47
CA THR A 220 -23.45 17.68 -6.01
C THR A 220 -22.38 17.16 -5.05
N ILE A 221 -21.91 18.01 -4.14
CA ILE A 221 -20.94 17.58 -3.12
C ILE A 221 -21.65 16.73 -2.06
N LYS A 222 -22.88 17.12 -1.70
CA LYS A 222 -23.71 16.31 -0.81
C LYS A 222 -23.98 14.94 -1.44
N GLU A 223 -24.23 14.92 -2.74
CA GLU A 223 -24.35 13.66 -3.48
C GLU A 223 -23.12 12.79 -3.35
N LEU A 224 -21.95 13.36 -3.63
CA LEU A 224 -20.70 12.62 -3.51
C LEU A 224 -20.50 12.08 -2.08
N GLU A 225 -20.75 12.94 -1.09
CA GLU A 225 -20.70 12.53 0.30
C GLU A 225 -21.56 11.28 0.61
N SER A 226 -22.81 11.29 0.16
CA SER A 226 -23.71 10.22 0.51
C SER A 226 -23.37 8.95 -0.27
N ILE A 227 -22.91 9.11 -1.49
CA ILE A 227 -22.44 7.94 -2.31
C ILE A 227 -21.27 7.21 -1.61
N ILE A 228 -20.24 7.96 -1.20
CA ILE A 228 -19.08 7.31 -0.64
C ILE A 228 -19.34 6.78 0.77
N SER A 229 -20.29 7.40 1.47
CA SER A 229 -20.78 6.81 2.74
C SER A 229 -21.13 5.30 2.65
N LYS A 230 -21.68 4.82 1.52
CA LYS A 230 -22.06 3.38 1.37
C LYS A 230 -20.85 2.44 1.41
N ARG A 231 -19.73 2.92 0.90
CA ARG A 231 -18.43 2.21 0.94
C ARG A 231 -17.75 2.36 2.28
N ASN A 232 -18.50 2.86 3.26
CA ASN A 232 -17.96 2.96 4.59
C ASN A 232 -16.70 3.87 4.56
N ILE A 233 -16.77 4.93 3.73
CA ILE A 233 -15.67 5.89 3.60
C ILE A 233 -16.12 7.26 4.11
N GLN A 234 -15.31 7.84 5.01
CA GLN A 234 -15.63 9.15 5.57
C GLN A 234 -15.42 10.26 4.54
N PHE A 235 -16.12 11.37 4.68
CA PHE A 235 -15.98 12.47 3.69
C PHE A 235 -15.54 13.79 4.35
N SER A 236 -14.60 14.47 3.68
CA SER A 236 -14.10 15.76 4.14
C SER A 236 -14.13 16.70 2.92
N CYS A 237 -14.33 18.00 3.13
CA CYS A 237 -14.33 18.93 1.98
C CYS A 237 -13.75 20.28 2.41
N LYS A 238 -12.91 20.85 1.54
CA LYS A 238 -12.30 22.14 1.78
C LYS A 238 -12.47 23.03 0.55
N ASN A 239 -12.78 24.30 0.77
CA ASN A 239 -12.74 25.26 -0.31
C ASN A 239 -11.31 25.72 -0.53
N ILE A 240 -10.90 25.81 -1.77
CA ILE A 240 -9.70 26.58 -2.13
C ILE A 240 -10.15 27.86 -2.83
N TYR A 241 -10.30 28.89 -2.02
CA TYR A 241 -10.87 30.17 -2.47
C TYR A 241 -9.91 30.90 -3.39
N ARG A 242 -8.62 30.72 -3.15
CA ARG A 242 -7.57 31.45 -3.89
C ARG A 242 -6.54 30.47 -4.42
N PRO A 243 -6.80 29.86 -5.59
CA PRO A 243 -5.88 28.83 -6.12
C PRO A 243 -4.45 29.30 -6.41
N ASP A 244 -4.29 30.57 -6.78
CA ASP A 244 -2.97 31.12 -7.01
C ASP A 244 -2.14 31.21 -5.72
N LYS A 245 -2.74 32.00 -4.68
CA LYS A 245 -2.12 31.94 -3.33
C LYS A 245 -1.84 30.49 -2.87
N PHE A 246 -2.76 29.57 -3.15
CA PHE A 246 -2.59 28.15 -2.74
C PHE A 246 -1.29 27.56 -3.31
N LEU A 247 -1.08 27.68 -4.61
CA LEU A 247 0.14 27.20 -5.23
C LEU A 247 1.36 27.90 -4.64
N GLN A 248 1.26 29.21 -4.43
CA GLN A 248 2.39 29.95 -3.84
C GLN A 248 2.76 29.33 -2.50
N CYS A 249 1.74 28.98 -1.71
CA CYS A 249 1.96 28.36 -0.40
C CYS A 249 2.56 26.97 -0.50
N VAL A 250 2.15 26.22 -1.54
CA VAL A 250 2.72 24.91 -1.78
C VAL A 250 4.22 25.06 -2.13
N LYS A 251 4.55 26.05 -2.97
CA LYS A 251 5.95 26.32 -3.38
C LYS A 251 6.84 26.87 -2.27
N ASN A 252 6.26 27.64 -1.36
CA ASN A 252 6.99 28.26 -0.27
C ASN A 252 6.26 27.96 1.02
N PRO A 253 6.49 26.70 1.51
CA PRO A 253 5.85 26.26 2.73
C PRO A 253 6.45 27.01 3.89
N GLU A 254 5.64 27.36 4.88
CA GLU A 254 6.14 28.18 5.97
C GLU A 254 6.38 29.62 5.58
N ASP A 255 6.34 30.50 6.57
CA ASP A 255 6.13 31.92 6.34
C ASP A 255 4.64 32.06 6.53
N SER A 256 4.28 32.79 7.60
CA SER A 256 2.94 32.75 8.19
C SER A 256 1.72 32.89 7.32
N SER A 257 1.84 33.59 6.18
CA SER A 257 0.70 33.79 5.29
C SER A 257 0.01 32.47 5.03
N CYS A 258 0.83 31.42 4.89
CA CYS A 258 0.36 30.07 4.60
C CYS A 258 0.18 29.28 5.89
N ARG B 7 -5.24 20.66 5.03
CA ARG B 7 -3.82 20.89 4.60
C ARG B 7 -3.31 19.87 3.56
N TRP B 8 -2.40 20.36 2.73
CA TRP B 8 -1.95 19.69 1.55
C TRP B 8 -0.60 18.97 1.79
N ARG B 9 -0.08 19.05 3.03
CA ARG B 9 1.21 18.49 3.39
C ARG B 9 1.03 17.34 4.38
N GLN B 10 1.57 16.18 4.06
CA GLN B 10 1.59 15.09 5.06
C GLN B 10 2.93 15.10 5.77
N THR B 11 2.92 14.64 7.02
CA THR B 11 4.12 14.73 7.84
C THR B 11 5.15 13.65 7.58
N TRP B 12 4.69 12.42 7.31
CA TRP B 12 5.56 11.26 7.21
C TRP B 12 5.51 10.57 5.84
N SER B 13 6.43 9.63 5.64
CA SER B 13 6.57 8.93 4.35
C SER B 13 5.78 7.62 4.26
N GLY B 14 5.45 7.05 5.42
CA GLY B 14 4.86 5.73 5.47
C GLY B 14 3.34 5.83 5.47
N PRO B 15 2.67 4.69 5.28
CA PRO B 15 1.22 4.64 5.38
C PRO B 15 0.72 5.08 6.76
N GLY B 16 -0.47 5.68 6.77
CA GLY B 16 -1.10 6.13 8.01
C GLY B 16 -1.76 5.03 8.80
N THR B 17 -2.33 5.45 9.94
CA THR B 17 -3.03 4.49 10.82
C THR B 17 -4.10 3.73 10.01
N THR B 18 -4.14 2.39 10.17
CA THR B 18 -5.17 1.57 9.49
C THR B 18 -6.57 2.11 9.77
N LYS B 19 -7.44 2.14 8.77
CA LYS B 19 -8.78 2.67 8.98
C LYS B 19 -9.46 1.86 10.07
N ARG B 20 -10.18 2.57 10.94
CA ARG B 20 -10.99 1.98 12.03
C ARG B 20 -10.13 1.17 13.01
N PHE B 21 -8.87 1.62 13.13
CA PHE B 21 -7.92 1.01 14.06
C PHE B 21 -8.55 0.74 15.46
N PRO B 22 -9.18 1.75 16.09
CA PRO B 22 -9.72 1.51 17.44
C PRO B 22 -10.74 0.40 17.45
N GLU B 23 -11.70 0.46 16.52
CA GLU B 23 -12.77 -0.56 16.44
C GLU B 23 -12.17 -1.94 16.20
N THR B 24 -11.11 -1.98 15.40
CA THR B 24 -10.43 -3.24 15.02
C THR B 24 -9.70 -3.87 16.19
N VAL B 25 -8.89 -3.08 16.90
CA VAL B 25 -8.17 -3.61 18.10
C VAL B 25 -9.18 -4.16 19.12
N LEU B 26 -10.21 -3.38 19.42
CA LEU B 26 -11.25 -3.81 20.36
C LEU B 26 -11.91 -5.11 19.91
N ALA B 27 -12.22 -5.23 18.61
CA ALA B 27 -12.96 -6.39 18.13
C ALA B 27 -12.05 -7.63 18.17
N ARG B 28 -10.77 -7.43 17.86
CA ARG B 28 -9.78 -8.51 17.93
C ARG B 28 -9.63 -8.98 19.36
N CYS B 29 -9.56 -8.04 20.30
CA CYS B 29 -9.49 -8.40 21.73
C CYS B 29 -10.68 -9.26 22.16
N VAL B 30 -11.89 -8.77 21.93
CA VAL B 30 -13.14 -9.54 22.20
C VAL B 30 -13.04 -10.95 21.60
N LYS B 31 -12.66 -11.05 20.33
CA LYS B 31 -12.65 -12.35 19.65
C LYS B 31 -11.62 -13.32 20.25
N TYR B 32 -10.45 -12.79 20.57
CA TYR B 32 -9.35 -13.59 21.11
C TYR B 32 -9.78 -14.16 22.47
N THR B 33 -10.41 -13.32 23.29
CA THR B 33 -10.87 -13.74 24.62
C THR B 33 -12.00 -14.74 24.53
N GLU B 34 -12.86 -14.62 23.52
CA GLU B 34 -13.94 -15.63 23.36
C GLU B 34 -13.43 -16.98 22.83
N ILE B 35 -12.36 -16.94 22.04
CA ILE B 35 -11.66 -18.16 21.62
C ILE B 35 -10.79 -18.72 22.76
N HIS B 36 -10.11 -17.82 23.51
CA HIS B 36 -9.17 -18.21 24.58
C HIS B 36 -9.67 -17.86 25.99
N PRO B 37 -10.17 -18.89 26.71
CA PRO B 37 -10.63 -18.83 28.13
C PRO B 37 -9.54 -18.31 29.07
N GLU B 38 -8.30 -18.73 28.86
CA GLU B 38 -7.16 -18.34 29.70
C GLU B 38 -7.04 -16.82 29.77
N MET B 39 -7.63 -16.14 28.78
CA MET B 39 -7.51 -14.68 28.68
C MET B 39 -8.88 -13.98 28.82
N ARG B 40 -9.88 -14.69 29.36
CA ARG B 40 -11.26 -14.14 29.54
C ARG B 40 -11.42 -13.15 30.71
N HIS B 41 -10.38 -13.13 31.55
CA HIS B 41 -10.23 -12.13 32.60
C HIS B 41 -9.96 -10.72 32.05
N VAL B 42 -9.37 -10.66 30.84
CA VAL B 42 -9.00 -9.40 30.18
C VAL B 42 -10.18 -8.45 29.92
N ASP B 43 -10.06 -7.20 30.37
CA ASP B 43 -11.03 -6.14 30.08
C ASP B 43 -10.59 -5.42 28.78
N CYS B 44 -11.29 -5.69 27.69
CA CYS B 44 -10.84 -5.19 26.38
C CYS B 44 -10.85 -3.65 26.25
N GLN B 45 -11.74 -2.97 26.97
CA GLN B 45 -11.67 -1.50 27.03
C GLN B 45 -10.38 -1.04 27.70
N SER B 46 -9.99 -1.68 28.80
CA SER B 46 -8.74 -1.33 29.52
C SER B 46 -7.54 -1.57 28.61
N VAL B 47 -7.56 -2.68 27.86
CA VAL B 47 -6.50 -3.03 26.93
C VAL B 47 -6.36 -1.97 25.84
N TRP B 48 -7.47 -1.59 25.22
CA TRP B 48 -7.47 -0.47 24.25
C TRP B 48 -6.94 0.83 24.88
N ASP B 49 -7.43 1.18 26.06
CA ASP B 49 -6.98 2.40 26.76
C ASP B 49 -5.46 2.39 26.94
N ALA B 50 -4.92 1.25 27.37
CA ALA B 50 -3.47 1.07 27.55
C ALA B 50 -2.71 1.16 26.22
N PHE B 51 -3.26 0.55 25.16
CA PHE B 51 -2.65 0.58 23.83
C PHE B 51 -2.58 2.04 23.35
N LYS B 52 -3.73 2.71 23.35
CA LYS B 52 -3.85 4.12 22.95
C LYS B 52 -2.93 5.05 23.76
N GLY B 53 -2.88 4.83 25.07
CA GLY B 53 -2.03 5.60 25.97
C GLY B 53 -0.53 5.54 25.65
N ALA B 54 -0.08 4.43 25.06
CA ALA B 54 1.33 4.25 24.66
C ALA B 54 1.77 5.23 23.61
N PHE B 55 0.85 5.67 22.76
CA PHE B 55 1.28 6.47 21.61
C PHE B 55 0.51 7.75 21.33
N ILE B 56 -0.67 7.90 21.91
CA ILE B 56 -1.43 9.13 21.63
C ILE B 56 -0.78 10.32 22.37
N SER B 57 -0.88 11.49 21.75
CA SER B 57 -0.36 12.75 22.32
C SER B 57 1.16 12.64 22.63
N LYS B 58 1.85 11.84 21.80
CA LYS B 58 3.29 11.60 21.94
C LYS B 58 3.89 11.77 20.56
N HIS B 59 5.13 12.29 20.51
CA HIS B 59 5.84 12.38 19.21
C HIS B 59 6.17 10.96 18.71
N PRO B 60 5.80 10.63 17.45
CA PRO B 60 5.93 9.27 16.91
C PRO B 60 7.38 8.88 16.56
N CYS B 61 8.34 9.70 16.94
CA CYS B 61 9.75 9.30 16.84
C CYS B 61 10.41 9.12 18.22
N ASP B 62 9.62 9.32 19.27
CA ASP B 62 10.13 9.36 20.63
C ASP B 62 9.55 8.24 21.53
N ILE B 63 8.86 7.30 20.92
CA ILE B 63 8.19 6.21 21.66
C ILE B 63 9.29 5.29 22.24
N THR B 64 9.04 4.74 23.44
CA THR B 64 10.02 3.84 24.04
C THR B 64 9.30 2.57 24.54
N GLU B 65 10.06 1.52 24.90
CA GLU B 65 9.46 0.33 25.48
C GLU B 65 8.61 0.65 26.74
N GLU B 66 9.06 1.61 27.56
CA GLU B 66 8.29 2.03 28.75
C GLU B 66 6.86 2.49 28.42
N ASP B 67 6.69 3.14 27.28
CA ASP B 67 5.34 3.56 26.82
C ASP B 67 4.34 2.39 26.73
N TYR B 68 4.85 1.20 26.42
CA TYR B 68 4.00 0.01 26.20
C TYR B 68 3.87 -0.88 27.44
N GLN B 69 4.56 -0.50 28.52
CA GLN B 69 4.49 -1.30 29.76
C GLN B 69 3.06 -1.51 30.30
N PRO B 70 2.23 -0.44 30.38
CA PRO B 70 0.85 -0.72 30.82
C PRO B 70 0.15 -1.82 29.99
N LEU B 71 0.24 -1.70 28.67
CA LEU B 71 -0.28 -2.73 27.74
C LEU B 71 0.33 -4.13 27.97
N MET B 72 1.66 -4.21 28.08
CA MET B 72 2.34 -5.49 28.39
C MET B 72 1.79 -6.16 29.62
N LYS B 73 1.59 -5.37 30.66
CA LYS B 73 1.06 -5.89 31.92
C LYS B 73 -0.35 -6.44 31.76
N LEU B 74 -1.22 -5.71 31.07
CA LEU B 74 -2.59 -6.20 30.85
C LEU B 74 -2.61 -7.45 29.98
N GLY B 75 -1.65 -7.54 29.06
CA GLY B 75 -1.58 -8.62 28.11
C GLY B 75 -0.69 -9.78 28.52
N THR B 76 -0.25 -9.79 29.79
CA THR B 76 0.53 -10.89 30.37
C THR B 76 -0.07 -12.23 29.96
N GLN B 77 0.76 -13.13 29.41
CA GLN B 77 0.31 -14.45 28.96
C GLN B 77 1.48 -15.47 28.91
N THR B 78 1.29 -16.66 29.46
CA THR B 78 2.30 -17.72 29.30
C THR B 78 1.90 -18.64 28.13
N VAL B 79 2.88 -19.00 27.31
CA VAL B 79 2.72 -20.07 26.31
C VAL B 79 3.81 -21.13 26.53
N PRO B 80 3.55 -22.41 26.16
CA PRO B 80 4.58 -23.43 26.44
C PRO B 80 5.89 -23.05 25.78
N CYS B 81 6.95 -22.89 26.59
CA CYS B 81 8.21 -22.34 26.09
C CYS B 81 8.87 -23.19 24.99
N ASN B 82 8.63 -24.52 25.02
CA ASN B 82 9.20 -25.51 24.05
C ASN B 82 8.46 -25.54 22.66
N LYS B 83 7.47 -24.65 22.46
CA LYS B 83 6.54 -24.75 21.32
C LYS B 83 6.49 -23.43 20.48
N ILE B 84 7.60 -22.74 20.45
CA ILE B 84 7.63 -21.41 19.84
C ILE B 84 8.17 -21.45 18.40
N LEU B 85 7.50 -20.72 17.50
CA LEU B 85 7.90 -20.65 16.06
C LEU B 85 8.13 -19.17 15.75
N LEU B 86 9.37 -18.83 15.42
CA LEU B 86 9.71 -17.45 15.01
C LEU B 86 9.73 -17.47 13.49
N TRP B 87 9.73 -16.28 12.88
CA TRP B 87 9.75 -16.23 11.43
C TRP B 87 10.35 -14.89 11.01
N SER B 88 10.88 -14.86 9.81
CA SER B 88 11.34 -13.60 9.26
C SER B 88 10.95 -13.53 7.80
N ARG B 89 10.11 -12.55 7.48
CA ARG B 89 9.71 -12.23 6.11
C ARG B 89 8.92 -13.33 5.40
N ILE B 90 8.21 -14.15 6.17
CA ILE B 90 7.41 -15.25 5.61
C ILE B 90 6.18 -15.54 6.51
N LYS B 91 5.58 -14.44 6.94
CA LYS B 91 4.43 -14.40 7.85
C LYS B 91 3.33 -15.40 7.53
N ASP B 92 2.86 -15.39 6.28
CA ASP B 92 1.70 -16.18 5.88
C ASP B 92 1.85 -17.69 6.04
N LEU B 93 2.99 -18.26 5.63
CA LEU B 93 3.21 -19.71 5.80
C LEU B 93 3.34 -20.08 7.27
N ALA B 94 4.11 -19.30 8.03
CA ALA B 94 4.28 -19.56 9.46
C ALA B 94 2.93 -19.68 10.16
N HIS B 95 2.02 -18.75 9.81
CA HIS B 95 0.68 -18.73 10.37
C HIS B 95 -0.16 -19.91 9.91
N GLN B 96 -0.08 -20.26 8.62
CA GLN B 96 -0.75 -21.45 8.09
C GLN B 96 -0.27 -22.70 8.83
N PHE B 97 1.03 -22.73 9.15
CA PHE B 97 1.62 -23.84 9.88
C PHE B 97 1.02 -24.03 11.28
N THR B 98 0.94 -22.96 12.07
CA THR B 98 0.45 -23.09 13.44
C THR B 98 -1.07 -23.26 13.52
N GLN B 99 -1.76 -22.96 12.42
CA GLN B 99 -3.19 -23.21 12.27
C GLN B 99 -3.49 -24.69 12.01
N VAL B 100 -2.46 -25.44 11.63
CA VAL B 100 -2.58 -26.88 11.42
C VAL B 100 -1.90 -27.64 12.57
N GLN B 101 -0.71 -27.18 12.94
CA GLN B 101 0.03 -27.71 14.08
C GLN B 101 -0.29 -26.81 15.27
N ARG B 102 -1.39 -27.13 15.94
CA ARG B 102 -2.04 -26.18 16.85
C ARG B 102 -1.43 -26.09 18.25
N ASP B 103 -0.47 -26.96 18.56
CA ASP B 103 0.21 -26.86 19.86
C ASP B 103 1.45 -25.94 19.78
N MET B 104 1.63 -25.31 18.62
CA MET B 104 2.73 -24.39 18.43
C MET B 104 2.22 -22.99 18.20
N PHE B 105 3.04 -22.02 18.59
CA PHE B 105 2.64 -20.61 18.63
C PHE B 105 3.68 -19.74 17.93
N THR B 106 3.21 -18.85 17.07
CA THR B 106 3.97 -17.65 16.69
C THR B 106 3.49 -16.51 17.61
N LEU B 107 4.17 -15.38 17.52
CA LEU B 107 3.87 -14.23 18.37
C LEU B 107 2.43 -13.79 18.11
N GLU B 108 1.99 -13.94 16.88
CA GLU B 108 0.64 -13.49 16.47
C GLU B 108 -0.49 -14.42 16.94
N ASP B 109 -0.14 -15.54 17.57
CA ASP B 109 -1.09 -16.41 18.24
C ASP B 109 -1.28 -16.08 19.74
N THR B 110 -0.52 -15.07 20.23
CA THR B 110 -0.67 -14.55 21.59
C THR B 110 -1.63 -13.35 21.50
N LEU B 111 -2.28 -12.99 22.59
CA LEU B 111 -3.21 -11.83 22.58
C LEU B 111 -2.54 -10.58 21.98
N LEU B 112 -1.40 -10.17 22.52
CA LEU B 112 -0.81 -8.92 21.97
C LEU B 112 -0.39 -8.95 20.50
N GLY B 113 0.21 -10.05 20.04
CA GLY B 113 0.53 -10.14 18.62
C GLY B 113 -0.69 -10.17 17.72
N TYR B 114 -1.75 -10.82 18.19
CA TYR B 114 -3.01 -10.98 17.44
C TYR B 114 -3.65 -9.60 17.25
N LEU B 115 -3.60 -8.76 18.29
CA LEU B 115 -4.25 -7.41 18.26
C LEU B 115 -3.60 -6.56 17.17
N ALA B 116 -2.28 -6.63 17.10
CA ALA B 116 -1.52 -5.72 16.25
C ALA B 116 -1.17 -6.25 14.86
N ASP B 117 -1.35 -7.56 14.61
CA ASP B 117 -0.91 -8.13 13.33
C ASP B 117 -1.42 -7.39 12.10
N ASP B 118 -0.49 -6.99 11.22
CA ASP B 118 -0.84 -6.36 9.92
C ASP B 118 -1.37 -4.93 10.05
N LEU B 119 -1.36 -4.37 11.24
CA LEU B 119 -1.87 -2.94 11.43
C LEU B 119 -0.76 -1.89 11.52
N THR B 120 -1.11 -0.62 11.25
CA THR B 120 -0.19 0.49 11.40
C THR B 120 -0.93 1.51 12.25
N TRP B 121 -0.18 2.24 13.08
CA TRP B 121 -0.76 3.31 13.92
C TRP B 121 0.26 4.35 14.33
N CYS B 122 -0.20 5.57 14.56
CA CYS B 122 0.64 6.59 15.17
C CYS B 122 -0.25 7.75 15.59
N GLY B 123 0.29 8.57 16.48
CA GLY B 123 -0.39 9.79 16.90
C GLY B 123 0.47 10.98 16.61
N GLU B 124 0.30 12.03 17.42
CA GLU B 124 1.06 13.24 17.19
C GLU B 124 1.28 14.00 18.46
N PHE B 125 2.31 14.84 18.49
CA PHE B 125 2.66 15.50 19.75
C PHE B 125 1.64 16.55 20.17
N ASP B 126 1.12 17.29 19.19
CA ASP B 126 0.35 18.51 19.50
C ASP B 126 -1.16 18.30 19.72
N THR B 127 -1.63 17.07 19.58
CA THR B 127 -3.05 16.71 19.79
C THR B 127 -3.25 15.29 20.30
N SER B 128 -4.50 14.91 20.63
CA SER B 128 -4.77 13.53 21.01
C SER B 128 -5.35 12.74 19.79
N LYS B 129 -5.13 13.26 18.59
CA LYS B 129 -5.71 12.58 17.39
C LYS B 129 -4.83 11.41 16.93
N ILE B 130 -5.50 10.37 16.40
CA ILE B 130 -4.80 9.30 15.68
C ILE B 130 -4.51 9.86 14.27
N ASN B 131 -3.30 9.61 13.75
CA ASN B 131 -2.94 10.13 12.43
C ASN B 131 -3.32 9.07 11.38
N TYR B 132 -4.42 9.29 10.65
CA TYR B 132 -4.86 8.32 9.65
C TYR B 132 -4.26 8.63 8.28
N GLN B 133 -3.47 9.69 8.19
CA GLN B 133 -2.94 10.12 6.87
C GLN B 133 -1.57 9.57 6.55
N SER B 134 -0.62 9.63 7.52
CA SER B 134 0.72 9.07 7.31
C SER B 134 1.33 8.77 8.66
N CYS B 135 2.29 7.83 8.68
CA CYS B 135 3.07 7.46 9.88
C CYS B 135 4.53 7.25 9.47
N PRO B 136 5.46 7.37 10.42
CA PRO B 136 6.89 7.26 10.09
C PRO B 136 7.30 5.95 9.36
N ASP B 137 8.00 6.12 8.25
CA ASP B 137 8.68 5.02 7.60
C ASP B 137 9.95 4.69 8.38
N TRP B 138 10.15 3.42 8.72
CA TRP B 138 11.23 3.02 9.60
C TRP B 138 12.60 3.41 9.04
N ARG B 139 12.74 3.42 7.70
CA ARG B 139 14.04 3.68 7.08
C ARG B 139 14.18 5.16 6.74
N LYS B 140 13.12 5.74 6.19
CA LYS B 140 13.15 7.13 5.71
C LYS B 140 12.93 8.19 6.76
N ASP B 141 12.15 7.87 7.81
CA ASP B 141 11.73 8.87 8.81
C ASP B 141 12.47 8.62 10.14
N CYS B 142 11.99 7.65 10.90
CA CYS B 142 12.63 7.32 12.17
C CYS B 142 12.41 5.87 12.56
N SER B 143 13.45 5.28 13.14
CA SER B 143 13.37 3.87 13.56
C SER B 143 12.56 3.64 14.85
N ASN B 144 12.47 4.66 15.73
CA ASN B 144 11.70 4.59 17.02
C ASN B 144 10.25 5.08 16.97
N ASN B 145 9.45 4.37 16.20
CA ASN B 145 8.11 4.82 15.97
C ASN B 145 7.12 3.86 16.67
N PRO B 146 5.84 4.27 16.78
CA PRO B 146 4.90 3.45 17.55
C PRO B 146 4.88 1.98 17.14
N VAL B 147 4.90 1.70 15.85
CA VAL B 147 4.75 0.30 15.36
C VAL B 147 6.05 -0.49 15.60
N SER B 148 7.20 0.07 15.21
CA SER B 148 8.51 -0.59 15.36
C SER B 148 8.83 -0.88 16.82
N VAL B 149 8.51 0.09 17.69
CA VAL B 149 8.79 -0.06 19.12
C VAL B 149 7.88 -1.13 19.76
N PHE B 150 6.62 -1.19 19.34
CA PHE B 150 5.70 -2.20 19.82
C PHE B 150 6.29 -3.57 19.49
N TRP B 151 6.67 -3.78 18.24
CA TRP B 151 7.16 -5.14 17.90
C TRP B 151 8.47 -5.45 18.59
N LYS B 152 9.36 -4.46 18.72
CA LYS B 152 10.58 -4.66 19.54
C LYS B 152 10.30 -5.12 20.98
N THR B 153 9.35 -4.48 21.64
CA THR B 153 8.99 -4.76 23.03
C THR B 153 8.36 -6.16 23.22
N VAL B 154 7.31 -6.45 22.48
CA VAL B 154 6.64 -7.78 22.61
C VAL B 154 7.56 -8.91 22.16
N SER B 155 8.37 -8.67 21.15
CA SER B 155 9.26 -9.68 20.57
C SER B 155 10.39 -10.06 21.49
N ARG B 156 10.95 -9.07 22.19
CA ARG B 156 11.99 -9.36 23.19
C ARG B 156 11.48 -10.21 24.34
N ARG B 157 10.27 -9.94 24.81
CA ARG B 157 9.66 -10.74 25.88
C ARG B 157 9.40 -12.17 25.43
N PHE B 158 8.94 -12.33 24.19
CA PHE B 158 8.61 -13.64 23.61
C PHE B 158 9.87 -14.47 23.45
N ALA B 159 10.91 -13.83 22.92
CA ALA B 159 12.24 -14.47 22.80
C ALA B 159 12.84 -14.88 24.15
N GLU B 160 12.75 -13.99 25.15
CA GLU B 160 13.28 -14.27 26.50
C GLU B 160 12.63 -15.48 27.17
N ALA B 161 11.38 -15.75 26.78
CA ALA B 161 10.56 -16.82 27.34
C ALA B 161 10.84 -18.19 26.70
N ALA B 162 11.50 -18.19 25.54
CA ALA B 162 11.66 -19.43 24.76
C ALA B 162 12.61 -20.42 25.45
N CYS B 163 12.40 -21.70 25.17
CA CYS B 163 13.24 -22.74 25.77
C CYS B 163 13.31 -23.97 24.85
N ASP B 164 14.18 -24.91 25.23
CA ASP B 164 14.41 -26.17 24.50
C ASP B 164 14.85 -25.91 23.06
N VAL B 165 14.13 -26.49 22.11
CA VAL B 165 14.32 -26.18 20.68
C VAL B 165 13.39 -25.07 20.21
N VAL B 166 13.96 -23.97 19.71
CA VAL B 166 13.16 -22.90 19.11
C VAL B 166 13.28 -23.02 17.61
N HIS B 167 12.16 -22.86 16.88
CA HIS B 167 12.19 -22.99 15.41
C HIS B 167 12.00 -21.62 14.76
N VAL B 168 12.64 -21.40 13.62
CA VAL B 168 12.45 -20.16 12.86
C VAL B 168 12.27 -20.46 11.37
N MET B 169 11.20 -19.89 10.81
CA MET B 169 10.91 -20.01 9.39
C MET B 169 11.52 -18.84 8.65
N LEU B 170 12.29 -19.13 7.60
CA LEU B 170 12.95 -18.11 6.79
C LEU B 170 12.63 -18.29 5.30
N ASP B 171 12.59 -17.18 4.57
CA ASP B 171 12.26 -17.21 3.15
C ASP B 171 13.51 -17.36 2.26
N GLY B 172 13.72 -18.55 1.70
CA GLY B 172 14.88 -18.80 0.83
C GLY B 172 14.75 -18.23 -0.58
N SER B 173 13.70 -17.43 -0.79
CA SER B 173 13.45 -16.77 -2.07
C SER B 173 14.07 -15.39 -2.19
N ARG B 174 14.44 -14.80 -1.05
CA ARG B 174 14.83 -13.39 -1.00
C ARG B 174 16.33 -13.10 -0.78
N SER B 175 17.19 -14.06 -1.11
CA SER B 175 18.67 -13.88 -1.12
C SER B 175 19.27 -13.48 0.25
N LYS B 176 18.83 -12.32 0.75
CA LYS B 176 19.02 -11.96 2.15
C LYS B 176 18.07 -12.80 3.00
N ILE B 177 18.32 -14.12 3.01
CA ILE B 177 17.50 -15.08 3.75
C ILE B 177 17.47 -14.69 5.23
N PHE B 178 18.65 -14.47 5.80
CA PHE B 178 18.75 -13.91 7.14
C PHE B 178 19.19 -12.45 7.06
N ASP B 179 18.39 -11.58 7.67
CA ASP B 179 18.68 -10.17 7.70
C ASP B 179 18.87 -9.70 9.14
N LYS B 180 20.10 -9.32 9.47
CA LYS B 180 20.46 -8.95 10.84
C LYS B 180 19.69 -7.75 11.39
N ASP B 181 19.11 -6.95 10.50
CA ASP B 181 18.37 -5.75 10.90
C ASP B 181 16.84 -5.95 10.92
N SER B 182 16.38 -7.20 10.83
CA SER B 182 14.95 -7.52 11.04
C SER B 182 14.61 -7.59 12.53
N THR B 183 13.34 -7.77 12.89
CA THR B 183 13.01 -7.87 14.32
C THR B 183 13.46 -9.25 14.82
N PHE B 184 13.42 -10.25 13.95
CA PHE B 184 14.01 -11.57 14.28
C PHE B 184 15.51 -11.43 14.49
N GLY B 185 16.17 -10.85 13.49
CA GLY B 185 17.62 -10.73 13.46
C GLY B 185 18.27 -9.74 14.41
N SER B 186 17.52 -8.74 14.88
CA SER B 186 18.09 -7.72 15.77
C SER B 186 17.57 -7.74 17.22
N VAL B 187 16.38 -8.26 17.45
CA VAL B 187 15.86 -8.37 18.80
C VAL B 187 15.71 -9.84 19.21
N GLU B 188 15.13 -10.66 18.36
CA GLU B 188 14.84 -12.04 18.82
C GLU B 188 16.07 -12.91 18.99
N VAL B 189 16.90 -12.98 17.96
CA VAL B 189 18.12 -13.83 18.04
C VAL B 189 19.02 -13.47 19.27
N HIS B 190 19.06 -12.18 19.62
CA HIS B 190 19.97 -11.72 20.67
C HIS B 190 19.35 -11.82 22.05
N ASN B 191 18.12 -12.29 22.11
CA ASN B 191 17.44 -12.41 23.40
C ASN B 191 17.07 -13.82 23.76
N LEU B 192 17.42 -14.76 22.88
CA LEU B 192 17.37 -16.18 23.25
C LEU B 192 18.37 -16.46 24.37
N GLN B 193 17.93 -17.13 25.43
CA GLN B 193 18.78 -17.27 26.60
C GLN B 193 19.40 -18.65 26.59
N PRO B 194 20.74 -18.75 26.58
CA PRO B 194 21.42 -20.05 26.51
C PRO B 194 21.10 -20.97 27.69
N GLU B 195 20.72 -20.36 28.82
CA GLU B 195 20.37 -21.11 30.04
C GLU B 195 19.08 -21.93 29.86
N LYS B 196 18.27 -21.52 28.89
CA LYS B 196 16.93 -22.07 28.64
C LYS B 196 16.81 -22.76 27.27
N VAL B 197 17.50 -22.20 26.28
CA VAL B 197 17.39 -22.64 24.89
C VAL B 197 18.57 -23.48 24.49
N GLN B 198 18.28 -24.73 24.11
CA GLN B 198 19.28 -25.64 23.59
C GLN B 198 19.67 -25.37 22.12
N THR B 199 18.66 -25.20 21.26
CA THR B 199 18.87 -25.23 19.81
C THR B 199 17.96 -24.26 19.13
N LEU B 200 18.51 -23.56 18.13
CA LEU B 200 17.67 -22.81 17.21
C LEU B 200 17.70 -23.57 15.89
N GLU B 201 16.55 -24.03 15.41
CA GLU B 201 16.51 -24.74 14.14
C GLU B 201 15.85 -23.86 13.11
N ALA B 202 16.57 -23.57 12.02
CA ALA B 202 15.98 -22.80 10.95
C ALA B 202 15.38 -23.72 9.88
N TRP B 203 14.19 -23.35 9.42
CA TRP B 203 13.58 -24.01 8.28
C TRP B 203 13.62 -23.04 7.10
N VAL B 204 14.47 -23.34 6.12
CA VAL B 204 14.62 -22.42 4.98
C VAL B 204 13.67 -22.84 3.85
N ILE B 205 12.67 -22.01 3.64
CA ILE B 205 11.56 -22.28 2.74
C ILE B 205 11.90 -21.79 1.34
N HIS B 206 11.89 -22.71 0.38
CA HIS B 206 12.18 -22.39 -1.02
C HIS B 206 11.00 -21.64 -1.69
N GLY B 207 11.01 -21.52 -3.03
CA GLY B 207 9.96 -20.76 -3.73
C GLY B 207 9.87 -21.06 -5.21
N GLY B 208 10.40 -20.15 -6.03
CA GLY B 208 10.40 -20.26 -7.48
C GLY B 208 10.67 -21.63 -8.07
N ARG B 209 9.59 -22.39 -8.27
CA ARG B 209 9.56 -23.61 -9.08
C ARG B 209 10.55 -24.73 -8.82
N GLU B 210 11.82 -24.38 -8.65
CA GLU B 210 12.89 -25.38 -8.55
C GLU B 210 13.82 -25.07 -7.40
N ASP B 211 15.12 -25.04 -7.68
CA ASP B 211 16.10 -24.76 -6.64
C ASP B 211 16.20 -25.90 -5.66
N SER B 212 16.89 -26.96 -6.08
CA SER B 212 17.23 -28.05 -5.17
C SER B 212 18.61 -27.81 -4.60
N ARG B 213 18.97 -26.54 -4.45
CA ARG B 213 20.21 -26.16 -3.80
C ARG B 213 20.06 -26.12 -2.29
N ASP B 214 21.12 -26.55 -1.60
CA ASP B 214 21.20 -26.54 -0.15
C ASP B 214 21.42 -25.12 0.35
N LEU B 215 20.31 -24.44 0.64
CA LEU B 215 20.32 -23.04 1.04
C LEU B 215 20.79 -22.83 2.49
N CYS B 216 21.03 -23.93 3.20
CA CYS B 216 21.60 -23.83 4.54
C CYS B 216 23.08 -23.46 4.48
N GLN B 217 23.61 -23.39 3.25
CA GLN B 217 24.99 -22.97 2.97
C GLN B 217 25.10 -21.49 2.53
N ASP B 218 23.97 -20.85 2.32
CA ASP B 218 23.91 -19.42 2.02
C ASP B 218 24.70 -18.61 3.06
N PRO B 219 25.54 -17.65 2.60
CA PRO B 219 26.30 -16.77 3.50
C PRO B 219 25.52 -16.11 4.64
N THR B 220 24.27 -15.70 4.41
CA THR B 220 23.51 -15.07 5.49
C THR B 220 23.03 -16.06 6.55
N ILE B 221 22.89 -17.33 6.16
CA ILE B 221 22.57 -18.41 7.10
C ILE B 221 23.83 -18.78 7.89
N LYS B 222 24.97 -18.82 7.20
CA LYS B 222 26.27 -19.00 7.85
C LYS B 222 26.54 -17.89 8.88
N GLU B 223 26.10 -16.67 8.57
CA GLU B 223 26.16 -15.57 9.50
C GLU B 223 25.25 -15.80 10.71
N LEU B 224 24.01 -16.19 10.46
CA LEU B 224 23.09 -16.56 11.54
C LEU B 224 23.69 -17.67 12.43
N GLU B 225 24.32 -18.65 11.79
CA GLU B 225 24.95 -19.77 12.47
C GLU B 225 26.02 -19.28 13.45
N SER B 226 26.84 -18.35 12.98
CA SER B 226 27.92 -17.81 13.81
C SER B 226 27.36 -17.02 15.00
N ILE B 227 26.29 -16.25 14.77
CA ILE B 227 25.64 -15.45 15.82
C ILE B 227 25.15 -16.35 16.95
N ILE B 228 24.36 -17.36 16.59
CA ILE B 228 23.82 -18.23 17.62
C ILE B 228 24.90 -19.09 18.28
N SER B 229 25.89 -19.59 17.52
CA SER B 229 27.04 -20.31 18.10
C SER B 229 27.74 -19.48 19.17
N LYS B 230 27.92 -18.20 18.89
CA LYS B 230 28.55 -17.25 19.81
C LYS B 230 27.71 -17.05 21.08
N ARG B 231 26.43 -17.43 21.01
CA ARG B 231 25.53 -17.34 22.17
C ARG B 231 25.54 -18.65 22.99
N ASN B 232 26.33 -19.63 22.54
CA ASN B 232 26.45 -20.95 23.17
C ASN B 232 25.19 -21.75 23.04
N ILE B 233 24.61 -21.69 21.79
CA ILE B 233 23.44 -22.46 21.48
C ILE B 233 23.70 -23.29 20.22
N GLN B 234 23.00 -24.47 20.09
CA GLN B 234 23.20 -25.28 18.91
C GLN B 234 22.40 -24.68 17.76
N PHE B 235 22.97 -24.73 16.57
CA PHE B 235 22.24 -24.29 15.38
C PHE B 235 21.99 -25.49 14.49
N SER B 236 20.75 -25.61 14.04
CA SER B 236 20.36 -26.63 13.11
C SER B 236 19.66 -25.95 11.95
N CYS B 237 19.78 -26.51 10.75
CA CYS B 237 19.16 -25.92 9.55
C CYS B 237 18.61 -26.99 8.61
N LYS B 238 17.35 -26.82 8.21
CA LYS B 238 16.68 -27.73 7.27
C LYS B 238 16.12 -26.97 6.07
N ASN B 239 16.40 -27.53 4.90
CA ASN B 239 15.82 -27.09 3.63
C ASN B 239 14.42 -27.65 3.53
N ILE B 240 13.47 -26.80 3.19
CA ILE B 240 12.15 -27.28 2.80
C ILE B 240 11.96 -26.98 1.32
N TYR B 241 12.22 -27.99 0.50
CA TYR B 241 12.19 -27.86 -0.96
C TYR B 241 10.75 -27.74 -1.46
N ARG B 242 9.91 -28.75 -1.17
CA ARG B 242 8.48 -28.72 -1.53
C ARG B 242 7.61 -28.08 -0.46
N PRO B 243 7.38 -26.75 -0.54
CA PRO B 243 6.72 -25.96 0.51
C PRO B 243 5.19 -26.13 0.62
N ASP B 244 4.52 -26.39 -0.50
CA ASP B 244 3.08 -26.68 -0.45
C ASP B 244 2.77 -28.16 -0.20
N LYS B 245 3.72 -29.05 -0.53
CA LYS B 245 3.64 -30.44 -0.09
C LYS B 245 3.91 -30.53 1.41
N PHE B 246 4.81 -29.67 1.88
CA PHE B 246 5.10 -29.54 3.31
C PHE B 246 3.83 -29.28 4.11
N LEU B 247 3.04 -28.30 3.68
CA LEU B 247 1.82 -27.87 4.37
C LEU B 247 0.70 -28.90 4.23
N GLN B 248 0.73 -29.63 3.12
CA GLN B 248 -0.19 -30.74 2.88
C GLN B 248 0.11 -31.85 3.89
N CYS B 249 1.40 -32.15 4.09
CA CYS B 249 1.83 -33.23 4.97
C CYS B 249 1.65 -32.94 6.45
N VAL B 250 1.66 -31.66 6.82
CA VAL B 250 1.36 -31.24 8.20
C VAL B 250 -0.10 -31.54 8.51
N LYS B 251 -0.99 -31.13 7.60
CA LYS B 251 -2.45 -31.28 7.74
C LYS B 251 -2.90 -32.74 7.61
N ASN B 252 -2.39 -33.43 6.59
CA ASN B 252 -2.71 -34.84 6.37
C ASN B 252 -1.56 -35.71 6.85
N PRO B 253 -1.38 -35.72 8.19
CA PRO B 253 -0.26 -36.39 8.85
C PRO B 253 0.30 -37.66 8.21
N GLU B 254 1.64 -37.74 8.20
CA GLU B 254 2.37 -38.85 7.58
C GLU B 254 1.85 -40.22 7.98
N1 APR C . -11.11 9.57 -21.50
C2 APR C . -11.53 9.12 -20.31
N3 APR C . -10.85 9.33 -19.16
C4 APR C . -9.66 9.98 -19.16
C5 APR C . -9.14 10.51 -20.43
C6 APR C . -9.95 10.27 -21.65
N6 APR C . -9.55 10.72 -22.85
N7 APR C . -7.97 11.10 -20.15
C8 APR C . -7.75 10.98 -18.80
N9 APR C . -8.76 10.28 -18.22
C1' APR C . -8.94 9.95 -16.80
C2' APR C . -7.69 9.98 -15.93
O2' APR C . -7.87 8.97 -14.94
C3' APR C . -7.95 10.95 -14.82
O3' APR C . -6.80 11.73 -14.50
O4' APR C . -9.84 10.93 -16.28
C4' APR C . -9.36 11.49 -15.06
C5' APR C . -9.68 12.97 -15.00
O5' APR C . -10.99 12.83 -14.47
PA APR C . -12.31 13.62 -15.01
O1A APR C . -11.90 15.04 -15.28
O2A APR C . -13.24 13.14 -13.91
O3A APR C . -12.56 12.92 -16.44
PB APR C . -13.52 13.46 -17.64
O1B APR C . -13.74 14.95 -17.61
O2B APR C . -14.69 12.51 -17.70
O5D APR C . -12.58 13.17 -18.94
C5D APR C . -13.01 12.40 -20.04
O4D APR C . -13.07 12.41 -22.45
O1D APR C . -12.58 13.31 -24.52
C1D APR C . -13.29 13.53 -23.29
O2D APR C . -12.03 15.62 -23.47
C2D APR C . -12.72 14.75 -22.56
O3D APR C . -10.42 14.21 -21.94
C3D APR C . -11.79 14.17 -21.50
C4D APR C . -12.23 12.72 -21.33
N1 APR D . 14.73 -0.60 3.44
C2 APR D . 15.60 -1.63 3.52
N3 APR D . 15.33 -2.78 4.18
C4 APR D . 14.14 -2.95 4.83
C5 APR D . 13.14 -1.86 4.78
C6 APR D . 13.51 -0.63 4.03
N6 APR D . 12.66 0.41 3.94
N7 APR D . 12.08 -2.28 5.48
C8 APR D . 12.36 -3.53 5.95
N9 APR D . 13.59 -3.92 5.53
C1' APR D . 14.25 -5.22 5.87
C2' APR D . 14.57 -5.17 7.36
O2' APR D . 15.97 -5.42 7.60
C3' APR D . 13.68 -6.20 8.01
O3' APR D . 12.67 -5.54 8.78
O4' APR D . 13.35 -6.32 5.65
C4' APR D . 13.08 -7.03 6.87
C5' APR D . 11.58 -7.30 6.97
O5' APR D . 11.35 -8.47 7.74
PA APR D . 9.96 -8.68 8.57
O1A APR D . 8.90 -9.31 7.68
O2A APR D . 9.68 -7.38 9.30
O3A APR D . 10.34 -9.82 9.65
PB APR D . 11.01 -9.50 11.08
O1B APR D . 11.44 -8.04 11.14
O2B APR D . 12.07 -10.56 11.31
O5D APR D . 9.80 -9.71 12.12
C5D APR D . 9.18 -10.99 12.26
O4D APR D . 8.93 -10.36 14.54
O1D APR D . 8.48 -11.21 16.62
C1D APR D . 7.86 -10.78 15.40
O2D APR D . 6.47 -12.87 15.50
C2D APR D . 7.23 -11.97 14.67
O3D APR D . 9.07 -13.63 14.81
C3D APR D . 8.42 -12.63 13.99
C4D APR D . 9.33 -11.45 13.70
N1 APR E . 2.64 -7.98 11.80
C2 APR E . 2.80 -6.71 11.41
N3 APR E . 3.98 -6.07 11.46
C4 APR E . 5.10 -6.68 11.93
C5 APR E . 5.00 -8.08 12.37
C6 APR E . 3.67 -8.72 12.28
N6 APR E . 3.48 -10.00 12.67
N7 APR E . 6.23 -8.44 12.78
C8 APR E . 7.05 -7.37 12.60
N9 APR E . 6.38 -6.31 12.09
C1' APR E . 6.97 -4.98 11.78
C2' APR E . 8.11 -5.12 10.80
O2' APR E . 9.36 -4.88 11.46
C3' APR E . 7.85 -4.10 9.71
O3' APR E . 8.07 -4.67 8.42
O4' APR E . 6.01 -4.09 11.21
C4' APR E . 6.41 -3.62 9.92
C5' APR E . 5.39 -4.11 8.89
O5' APR E . 5.74 -3.72 7.55
PA APR E . 5.47 -4.68 6.28
O1A APR E . 4.68 -3.90 5.26
O2A APR E . 4.93 -6.00 6.77
O3A APR E . 6.96 -4.92 5.69
PB APR E . 7.42 -6.33 5.04
O1B APR E . 6.36 -6.74 4.05
O2B APR E . 7.80 -7.26 6.17
O5D APR E . 8.76 -5.97 4.22
C5D APR E . 9.46 -7.01 3.52
O4D APR E . 9.83 -7.96 1.31
O1D APR E . 9.56 -8.04 -1.04
C1D APR E . 8.88 -8.18 0.24
O2D APR E . 7.37 -6.55 -0.81
C2D APR E . 7.76 -7.16 0.43
O3D APR E . 8.62 -4.89 0.73
C3D APR E . 8.30 -6.12 1.40
C4D APR E . 9.56 -6.73 2.01
#